data_4EP5
#
_entry.id   4EP5
#
_cell.length_a   35.183
_cell.length_b   60.019
_cell.length_c   135.734
_cell.angle_alpha   90.00
_cell.angle_beta   90.00
_cell.angle_gamma   90.00
#
_symmetry.space_group_name_H-M   'I 21 21 21'
#
loop_
_entity.id
_entity.type
_entity.pdbx_description
1 polymer 'Crossover junction endodeoxyribonuclease RuvC'
2 non-polymer 'SULFATE ION'
3 non-polymer GLYCEROL
4 water water
#
_entity_poly.entity_id   1
_entity_poly.type   'polypeptide(L)'
_entity_poly.pdbx_seq_one_letter_code
;MVVAGIDPGITHLGLGVVAVEGKGALKARLLHGEVVKTSPQEPAKERVGRIHARVLEVLHRFRPEAVAVEEQFFYRQNEL
AYKVGWALGAVLVAAFEAGVPVYAYGPMQVKQALAGHGHAAKEEVALMVRGILGLKEAPRPSHLANALAIALTHAFYARM
GTAKPL
;
_entity_poly.pdbx_strand_id   A
#
loop_
_chem_comp.id
_chem_comp.type
_chem_comp.name
_chem_comp.formula
GOL non-polymer GLYCEROL 'C3 H8 O3'
SO4 non-polymer 'SULFATE ION' 'O4 S -2'
#
# COMPACT_ATOMS: atom_id res chain seq x y z
N MET A 1 5.54 14.04 2.06
CA MET A 1 6.29 12.90 1.58
C MET A 1 5.41 12.03 0.69
N VAL A 2 6.04 11.33 -0.25
CA VAL A 2 5.32 10.51 -1.22
C VAL A 2 5.55 9.04 -0.93
N VAL A 3 4.47 8.28 -0.77
CA VAL A 3 4.54 6.90 -0.31
C VAL A 3 3.75 5.96 -1.22
N ALA A 4 4.36 4.86 -1.65
CA ALA A 4 3.62 3.77 -2.29
C ALA A 4 3.18 2.75 -1.25
N GLY A 5 1.90 2.40 -1.24
CA GLY A 5 1.39 1.33 -0.37
C GLY A 5 0.93 0.16 -1.20
N ILE A 6 1.15 -1.06 -0.72
CA ILE A 6 0.81 -2.25 -1.50
C ILE A 6 0.13 -3.32 -0.66
N ASP A 7 -0.95 -3.88 -1.20
CA ASP A 7 -1.63 -4.95 -0.50
C ASP A 7 -1.60 -6.24 -1.32
N PRO A 8 -0.64 -7.13 -1.01
CA PRO A 8 -0.44 -8.38 -1.77
C PRO A 8 -1.67 -9.27 -1.62
N GLY A 9 -2.23 -9.74 -2.73
CA GLY A 9 -3.51 -10.39 -2.63
C GLY A 9 -3.68 -11.70 -3.34
N ILE A 10 -4.86 -12.27 -3.17
CA ILE A 10 -5.24 -13.52 -3.79
C ILE A 10 -5.19 -13.45 -5.31
N THR A 11 -6.11 -12.70 -5.90
CA THR A 11 -6.16 -12.51 -7.35
C THR A 11 -6.10 -11.01 -7.70
N HIS A 12 -5.96 -10.18 -6.67
CA HIS A 12 -5.89 -8.73 -6.85
C HIS A 12 -4.69 -8.25 -6.08
N LEU A 13 -3.90 -7.33 -6.64
CA LEU A 13 -2.84 -6.72 -5.85
C LEU A 13 -3.04 -5.20 -5.82
N GLY A 14 -3.43 -4.68 -4.66
CA GLY A 14 -3.67 -3.27 -4.50
C GLY A 14 -2.38 -2.48 -4.53
N LEU A 15 -2.36 -1.41 -5.31
CA LEU A 15 -1.16 -0.60 -5.47
C LEU A 15 -1.55 0.88 -5.55
N GLY A 16 -1.15 1.64 -4.55
CA GLY A 16 -1.49 3.05 -4.50
C GLY A 16 -0.34 3.95 -4.09
N VAL A 17 -0.42 5.22 -4.49
CA VAL A 17 0.57 6.22 -4.15
C VAL A 17 -0.13 7.45 -3.60
N VAL A 18 0.39 7.98 -2.49
CA VAL A 18 -0.20 9.14 -1.86
C VAL A 18 0.90 10.15 -1.55
N ALA A 19 0.54 11.42 -1.55
CA ALA A 19 1.48 12.46 -1.12
C ALA A 19 0.94 13.06 0.17
N VAL A 20 1.70 12.96 1.25
CA VAL A 20 1.18 13.42 2.53
C VAL A 20 1.75 14.77 2.97
N GLU A 21 0.87 15.61 3.53
CA GLU A 21 1.24 16.95 3.98
C GLU A 21 2.19 16.91 5.17
N GLY A 22 3.07 17.90 5.26
CA GLY A 22 4.12 17.91 6.26
C GLY A 22 3.74 18.45 7.62
N LYS A 23 2.64 19.20 7.67
CA LYS A 23 2.16 19.77 8.93
C LYS A 23 0.65 19.50 9.05
N GLY A 24 0.11 19.71 10.25
CA GLY A 24 -1.31 19.57 10.46
C GLY A 24 -1.70 18.12 10.63
N ALA A 25 -3.00 17.89 10.85
CA ALA A 25 -3.55 16.55 10.97
C ALA A 25 -3.23 15.79 9.70
N LEU A 26 -2.98 14.49 9.84
CA LEU A 26 -2.64 13.63 8.71
C LEU A 26 -3.55 13.88 7.51
N LYS A 27 -2.95 14.36 6.43
CA LYS A 27 -3.69 14.73 5.23
C LYS A 27 -2.87 14.40 4.02
N ALA A 28 -3.50 13.72 3.06
CA ALA A 28 -2.80 13.31 1.85
C ALA A 28 -3.68 13.48 0.63
N ARG A 29 -3.05 13.39 -0.53
CA ARG A 29 -3.75 13.39 -1.80
C ARG A 29 -3.42 12.11 -2.54
N LEU A 30 -4.42 11.55 -3.20
CA LEU A 30 -4.25 10.36 -4.00
C LEU A 30 -3.53 10.72 -5.29
N LEU A 31 -2.36 10.13 -5.52
CA LEU A 31 -1.67 10.41 -6.78
C LEU A 31 -1.98 9.31 -7.77
N HIS A 32 -2.11 8.09 -7.26
CA HIS A 32 -2.34 6.92 -8.11
C HIS A 32 -3.00 5.80 -7.33
N GLY A 33 -3.96 5.13 -7.95
CA GLY A 33 -4.50 3.92 -7.40
C GLY A 33 -4.85 2.94 -8.50
N GLU A 34 -4.31 1.73 -8.41
CA GLU A 34 -4.65 0.66 -9.35
C GLU A 34 -4.69 -0.69 -8.63
N VAL A 35 -5.36 -1.66 -9.25
CA VAL A 35 -5.33 -3.04 -8.78
C VAL A 35 -4.82 -3.95 -9.91
N VAL A 36 -3.71 -4.63 -9.67
CA VAL A 36 -3.26 -5.66 -10.60
C VAL A 36 -4.14 -6.90 -10.41
N LYS A 37 -4.93 -7.21 -11.44
CA LYS A 37 -5.87 -8.33 -11.40
C LYS A 37 -5.34 -9.49 -12.24
N THR A 38 -5.29 -10.67 -11.61
CA THR A 38 -4.79 -11.86 -12.27
C THR A 38 -5.91 -12.86 -12.48
N SER A 39 -5.75 -13.72 -13.48
CA SER A 39 -6.76 -14.71 -13.83
C SER A 39 -6.30 -16.11 -13.47
N PRO A 40 -7.25 -17.03 -13.27
CA PRO A 40 -6.88 -18.43 -13.04
C PRO A 40 -6.19 -19.04 -14.27
N GLN A 41 -6.63 -18.67 -15.46
CA GLN A 41 -6.08 -19.28 -16.68
C GLN A 41 -4.67 -18.84 -17.05
N GLU A 42 -4.24 -17.67 -16.62
CA GLU A 42 -2.89 -17.24 -16.99
C GLU A 42 -1.85 -17.88 -16.08
N PRO A 43 -0.70 -18.27 -16.65
CA PRO A 43 0.27 -19.04 -15.87
C PRO A 43 0.88 -18.21 -14.75
N ALA A 44 1.50 -18.90 -13.79
CA ALA A 44 2.03 -18.24 -12.61
C ALA A 44 3.06 -17.16 -12.95
N LYS A 45 3.89 -17.42 -13.95
CA LYS A 45 5.00 -16.53 -14.24
C LYS A 45 4.48 -15.21 -14.80
N GLU A 46 3.35 -15.25 -15.50
CA GLU A 46 2.75 -14.05 -16.07
C GLU A 46 2.13 -13.23 -14.95
N ARG A 47 1.42 -13.90 -14.07
CA ARG A 47 0.79 -13.24 -12.94
C ARG A 47 1.84 -12.50 -12.12
N VAL A 48 2.93 -13.17 -11.79
CA VAL A 48 3.98 -12.55 -10.97
C VAL A 48 4.79 -11.51 -11.76
N GLY A 49 5.05 -11.81 -13.03
CA GLY A 49 5.79 -10.90 -13.90
C GLY A 49 5.05 -9.59 -14.08
N ARG A 50 3.74 -9.65 -14.30
CA ARG A 50 2.94 -8.43 -14.47
C ARG A 50 2.98 -7.58 -13.22
N ILE A 51 2.84 -8.24 -12.07
CA ILE A 51 2.90 -7.54 -10.80
C ILE A 51 4.19 -6.76 -10.72
N HIS A 52 5.29 -7.44 -11.05
CA HIS A 52 6.59 -6.81 -11.06
C HIS A 52 6.62 -5.58 -11.97
N ALA A 53 6.17 -5.76 -13.21
CA ALA A 53 6.18 -4.71 -14.21
C ALA A 53 5.32 -3.51 -13.79
N ARG A 54 4.16 -3.78 -13.20
CA ARG A 54 3.29 -2.71 -12.73
C ARG A 54 3.91 -1.95 -11.55
N VAL A 55 4.44 -2.67 -10.56
CA VAL A 55 5.03 -2.01 -9.40
C VAL A 55 6.26 -1.19 -9.81
N LEU A 56 7.12 -1.76 -10.63
CA LEU A 56 8.29 -1.04 -11.11
C LEU A 56 7.90 0.21 -11.89
N GLU A 57 6.87 0.11 -12.71
CA GLU A 57 6.40 1.25 -13.49
C GLU A 57 5.91 2.34 -12.54
N VAL A 58 5.22 1.93 -11.49
CA VAL A 58 4.69 2.91 -10.55
C VAL A 58 5.81 3.57 -9.75
N LEU A 59 6.77 2.80 -9.27
CA LEU A 59 7.90 3.35 -8.52
C LEU A 59 8.72 4.33 -9.38
N HIS A 60 8.99 3.96 -10.63
CA HIS A 60 9.79 4.80 -11.51
C HIS A 60 9.06 6.11 -11.83
N ARG A 61 7.77 6.01 -12.14
CA ARG A 61 6.95 7.17 -12.46
C ARG A 61 6.73 8.07 -11.24
N PHE A 62 6.46 7.49 -10.08
CA PHE A 62 6.05 8.33 -8.96
C PHE A 62 7.14 8.62 -7.94
N ARG A 63 8.24 7.87 -8.01
CA ARG A 63 9.42 8.15 -7.19
C ARG A 63 9.08 8.33 -5.72
N PRO A 64 8.48 7.31 -5.10
CA PRO A 64 8.13 7.50 -3.69
C PRO A 64 9.38 7.35 -2.86
N GLU A 65 9.39 7.93 -1.66
CA GLU A 65 10.48 7.76 -0.70
C GLU A 65 10.44 6.39 -0.05
N ALA A 66 9.29 5.72 -0.13
CA ALA A 66 9.08 4.48 0.58
C ALA A 66 8.01 3.61 -0.07
N VAL A 67 8.19 2.31 0.03
CA VAL A 67 7.15 1.33 -0.30
C VAL A 67 6.66 0.68 0.99
N ALA A 68 5.35 0.67 1.18
CA ALA A 68 4.76 0.07 2.38
C ALA A 68 3.87 -1.09 1.97
N VAL A 69 4.07 -2.23 2.62
CA VAL A 69 3.34 -3.44 2.29
C VAL A 69 2.64 -4.01 3.54
N GLU A 70 1.43 -4.53 3.36
CA GLU A 70 0.73 -5.17 4.45
C GLU A 70 1.45 -6.46 4.80
N GLU A 71 1.78 -6.63 6.08
CA GLU A 71 2.54 -7.77 6.62
C GLU A 71 3.54 -8.40 5.65
N ALA A 81 -0.45 -18.84 1.47
CA ALA A 81 0.73 -18.13 1.96
C ALA A 81 1.88 -18.17 0.96
N TYR A 82 2.02 -19.31 0.29
CA TYR A 82 3.07 -19.50 -0.72
C TYR A 82 2.85 -18.57 -1.91
N LYS A 83 1.63 -18.56 -2.44
CA LYS A 83 1.32 -17.82 -3.66
C LYS A 83 1.25 -16.32 -3.42
N VAL A 84 0.82 -15.93 -2.22
CA VAL A 84 0.83 -14.54 -1.83
C VAL A 84 2.29 -14.12 -1.72
N GLY A 85 3.09 -15.03 -1.19
CA GLY A 85 4.52 -14.83 -1.13
C GLY A 85 5.11 -14.54 -2.50
N TRP A 86 4.58 -15.18 -3.55
CA TRP A 86 5.02 -14.90 -4.92
C TRP A 86 4.80 -13.44 -5.31
N ALA A 87 3.62 -12.93 -4.98
CA ALA A 87 3.27 -11.56 -5.34
C ALA A 87 4.20 -10.60 -4.64
N LEU A 88 4.43 -10.85 -3.36
CA LEU A 88 5.28 -9.97 -2.59
C LEU A 88 6.72 -10.06 -3.10
N GLY A 89 7.12 -11.25 -3.51
CA GLY A 89 8.42 -11.45 -4.16
C GLY A 89 8.61 -10.48 -5.32
N ALA A 90 7.62 -10.44 -6.21
CA ALA A 90 7.66 -9.55 -7.37
C ALA A 90 7.77 -8.10 -6.91
N VAL A 91 7.03 -7.75 -5.88
CA VAL A 91 7.03 -6.39 -5.34
C VAL A 91 8.41 -6.02 -4.84
N LEU A 92 9.00 -6.92 -4.05
CA LEU A 92 10.34 -6.74 -3.48
C LEU A 92 11.41 -6.54 -4.55
N VAL A 93 11.31 -7.29 -5.64
CA VAL A 93 12.24 -7.16 -6.76
C VAL A 93 12.17 -5.74 -7.32
N ALA A 94 10.95 -5.26 -7.53
CA ALA A 94 10.75 -3.93 -8.11
C ALA A 94 11.34 -2.83 -7.21
N ALA A 95 11.16 -2.97 -5.90
CA ALA A 95 11.67 -1.97 -4.96
C ALA A 95 13.18 -2.00 -4.94
N PHE A 96 13.74 -3.20 -5.10
CA PHE A 96 15.17 -3.36 -5.17
C PHE A 96 15.72 -2.68 -6.42
N GLU A 97 15.05 -2.86 -7.55
CA GLU A 97 15.55 -2.28 -8.81
C GLU A 97 15.38 -0.76 -8.80
N ALA A 98 14.33 -0.28 -8.13
CA ALA A 98 14.06 1.15 -8.09
C ALA A 98 14.84 1.88 -6.98
N GLY A 99 15.49 1.11 -6.11
CA GLY A 99 16.27 1.71 -5.04
C GLY A 99 15.38 2.33 -3.95
N VAL A 100 14.20 1.77 -3.76
CA VAL A 100 13.25 2.29 -2.78
C VAL A 100 13.12 1.37 -1.54
N PRO A 101 13.32 1.94 -0.34
CA PRO A 101 13.22 1.16 0.91
C PRO A 101 11.81 0.62 1.17
N VAL A 102 11.75 -0.58 1.75
CA VAL A 102 10.48 -1.24 1.99
C VAL A 102 10.19 -1.30 3.49
N TYR A 103 8.95 -0.97 3.85
CA TYR A 103 8.50 -1.07 5.23
C TYR A 103 7.24 -1.93 5.29
N ALA A 104 7.17 -2.77 6.31
CA ALA A 104 6.05 -3.70 6.43
C ALA A 104 5.22 -3.37 7.68
N TYR A 105 3.90 -3.47 7.56
CA TYR A 105 2.99 -3.25 8.68
C TYR A 105 1.88 -4.30 8.64
N GLY A 106 1.46 -4.77 9.81
CA GLY A 106 0.35 -5.71 9.89
C GLY A 106 -0.97 -5.00 10.13
N PRO A 107 -2.09 -5.73 9.94
CA PRO A 107 -3.46 -5.26 10.13
C PRO A 107 -3.66 -4.46 11.43
N MET A 108 -3.07 -4.94 12.51
CA MET A 108 -3.25 -4.31 13.82
C MET A 108 -2.62 -2.91 13.90
N GLN A 109 -1.45 -2.75 13.28
CA GLN A 109 -0.74 -1.46 13.25
C GLN A 109 -1.50 -0.44 12.40
N VAL A 110 -2.03 -0.91 11.27
CA VAL A 110 -2.87 -0.06 10.42
C VAL A 110 -4.09 0.44 11.22
N LYS A 111 -4.75 -0.48 11.92
CA LYS A 111 -5.92 -0.15 12.74
C LYS A 111 -5.55 0.83 13.85
N GLN A 112 -4.43 0.58 14.51
CA GLN A 112 -3.95 1.48 15.55
C GLN A 112 -3.65 2.89 15.01
N ALA A 113 -2.93 2.97 13.88
CA ALA A 113 -2.50 4.27 13.33
C ALA A 113 -3.67 5.12 12.84
N LEU A 114 -4.61 4.48 12.17
CA LEU A 114 -5.68 5.20 11.49
C LEU A 114 -6.99 5.20 12.25
N ALA A 115 -7.17 4.30 13.20
CA ALA A 115 -8.42 4.25 13.96
C ALA A 115 -8.21 4.42 15.45
N GLY A 116 -6.96 4.35 15.90
CA GLY A 116 -6.65 4.58 17.29
C GLY A 116 -6.85 3.41 18.24
N HIS A 117 -7.17 2.23 17.71
CA HIS A 117 -7.16 1.00 18.52
C HIS A 117 -6.83 -0.20 17.67
N GLY A 118 -6.13 -1.16 18.27
CA GLY A 118 -5.61 -2.30 17.53
C GLY A 118 -6.68 -3.21 16.99
N HIS A 119 -7.87 -3.14 17.59
CA HIS A 119 -8.93 -4.09 17.28
C HIS A 119 -10.09 -3.43 16.57
N ALA A 120 -9.86 -2.24 16.06
CA ALA A 120 -10.84 -1.52 15.26
C ALA A 120 -11.33 -2.40 14.11
N ALA A 121 -12.55 -2.14 13.64
CA ALA A 121 -13.06 -2.84 12.46
C ALA A 121 -12.48 -2.24 11.19
N LYS A 122 -12.39 -3.06 10.14
CA LYS A 122 -11.82 -2.63 8.87
C LYS A 122 -12.58 -1.42 8.32
N GLU A 123 -13.86 -1.34 8.61
CA GLU A 123 -14.71 -0.28 8.11
C GLU A 123 -14.26 1.06 8.68
N GLU A 124 -13.76 1.04 9.92
CA GLU A 124 -13.27 2.23 10.59
C GLU A 124 -12.00 2.71 9.89
N VAL A 125 -11.14 1.78 9.50
CA VAL A 125 -9.91 2.13 8.79
C VAL A 125 -10.27 2.73 7.45
N ALA A 126 -11.25 2.12 6.78
CA ALA A 126 -11.63 2.58 5.45
C ALA A 126 -12.29 3.97 5.49
N LEU A 127 -12.91 4.29 6.62
CA LEU A 127 -13.57 5.57 6.80
C LEU A 127 -12.52 6.65 6.96
N MET A 128 -11.45 6.33 7.67
CA MET A 128 -10.35 7.26 7.89
C MET A 128 -9.53 7.51 6.63
N VAL A 129 -9.41 6.48 5.81
CA VAL A 129 -8.66 6.60 4.56
C VAL A 129 -9.42 7.50 3.61
N ARG A 130 -10.75 7.37 3.64
CA ARG A 130 -11.61 8.20 2.84
C ARG A 130 -11.49 9.63 3.37
N GLY A 131 -11.46 9.77 4.70
CA GLY A 131 -11.33 11.07 5.33
C GLY A 131 -10.02 11.77 5.01
N ILE A 132 -8.91 11.08 5.28
CA ILE A 132 -7.57 11.62 5.10
C ILE A 132 -7.27 12.00 3.65
N LEU A 133 -7.80 11.23 2.71
CA LEU A 133 -7.55 11.48 1.28
C LEU A 133 -8.57 12.42 0.67
N GLY A 134 -9.59 12.76 1.46
CA GLY A 134 -10.59 13.71 1.02
C GLY A 134 -11.52 13.17 -0.05
N LEU A 135 -11.62 11.85 -0.13
CA LEU A 135 -12.43 11.24 -1.18
C LEU A 135 -13.92 11.41 -0.94
N LYS A 136 -14.68 11.43 -2.03
CA LYS A 136 -16.14 11.42 -1.96
C LYS A 136 -16.59 10.13 -1.28
N GLU A 137 -16.18 8.99 -1.85
CA GLU A 137 -16.51 7.69 -1.31
C GLU A 137 -15.26 6.95 -0.84
N ALA A 138 -15.45 5.92 -0.03
CA ALA A 138 -14.35 5.04 0.37
C ALA A 138 -13.77 4.38 -0.87
N PRO A 139 -12.43 4.36 -0.98
CA PRO A 139 -11.80 3.85 -2.19
C PRO A 139 -12.06 2.36 -2.36
N ARG A 140 -12.56 1.99 -3.53
CA ARG A 140 -12.88 0.61 -3.86
C ARG A 140 -11.89 0.14 -4.92
N PRO A 141 -11.51 -1.16 -4.91
CA PRO A 141 -11.89 -2.25 -4.00
C PRO A 141 -10.99 -2.36 -2.77
N SER A 142 -11.24 -3.39 -1.97
CA SER A 142 -10.65 -3.49 -0.64
C SER A 142 -9.14 -3.57 -0.68
N HIS A 143 -8.62 -4.24 -1.70
CA HIS A 143 -7.17 -4.31 -1.89
C HIS A 143 -6.55 -2.96 -2.17
N LEU A 144 -7.27 -2.11 -2.89
CA LEU A 144 -6.81 -0.73 -3.08
C LEU A 144 -6.96 0.08 -1.80
N ALA A 145 -8.09 -0.09 -1.10
CA ALA A 145 -8.33 0.64 0.15
C ALA A 145 -7.26 0.27 1.16
N ASN A 146 -6.92 -1.02 1.20
CA ASN A 146 -5.88 -1.54 2.09
C ASN A 146 -4.51 -0.96 1.76
N ALA A 147 -4.13 -1.03 0.48
CA ALA A 147 -2.87 -0.43 0.04
C ALA A 147 -2.72 1.06 0.37
N LEU A 148 -3.81 1.83 0.27
CA LEU A 148 -3.75 3.24 0.65
C LEU A 148 -3.60 3.40 2.17
N ALA A 149 -4.28 2.53 2.91
CA ALA A 149 -4.23 2.58 4.37
C ALA A 149 -2.82 2.26 4.86
N ILE A 150 -2.19 1.28 4.22
CA ILE A 150 -0.84 0.88 4.56
C ILE A 150 0.10 2.03 4.26
N ALA A 151 -0.11 2.68 3.12
CA ALA A 151 0.69 3.84 2.77
C ALA A 151 0.54 4.92 3.83
N LEU A 152 -0.70 5.17 4.27
CA LEU A 152 -0.92 6.26 5.19
C LEU A 152 -0.45 5.85 6.57
N THR A 153 -0.49 4.55 6.85
CA THR A 153 -0.01 4.05 8.12
C THR A 153 1.48 4.34 8.22
N HIS A 154 2.20 4.07 7.14
CA HIS A 154 3.64 4.31 7.13
C HIS A 154 3.97 5.78 7.37
N ALA A 155 3.25 6.65 6.68
CA ALA A 155 3.47 8.09 6.82
C ALA A 155 3.24 8.54 8.26
N PHE A 156 2.25 7.92 8.90
CA PHE A 156 1.95 8.22 10.29
C PHE A 156 3.12 7.86 11.22
N TYR A 157 3.62 6.64 11.09
CA TYR A 157 4.77 6.21 11.89
C TYR A 157 6.06 6.89 11.46
N ALA A 158 6.15 7.27 10.18
CA ALA A 158 7.32 7.99 9.70
C ALA A 158 7.42 9.35 10.38
N ARG A 159 6.29 10.06 10.44
CA ARG A 159 6.21 11.32 11.17
C ARG A 159 6.81 11.19 12.56
N MET A 160 6.27 10.26 13.34
CA MET A 160 6.69 10.10 14.73
C MET A 160 7.89 9.18 14.90
N GLY A 161 8.49 8.77 13.78
CA GLY A 161 9.74 8.02 13.81
C GLY A 161 9.69 6.62 14.40
N THR A 162 8.70 5.84 13.99
CA THR A 162 8.65 4.43 14.35
C THR A 162 8.35 3.59 13.11
N ALA A 163 8.93 3.98 11.98
CA ALA A 163 8.77 3.23 10.75
C ALA A 163 9.42 1.85 10.92
N LYS A 164 8.75 0.81 10.43
CA LYS A 164 9.26 -0.56 10.56
C LYS A 164 9.78 -1.10 9.22
N PRO A 165 11.10 -1.03 9.00
CA PRO A 165 11.71 -1.44 7.73
C PRO A 165 11.90 -2.95 7.59
N LEU A 166 11.26 -3.54 6.59
CA LEU A 166 11.44 -4.96 6.29
C LEU A 166 12.79 -5.23 5.63
S SO4 B . -3.87 -4.93 -14.79
O1 SO4 B . -2.43 -4.75 -14.78
O2 SO4 B . -4.51 -3.92 -13.94
O3 SO4 B . -4.35 -4.76 -16.15
O4 SO4 B . -4.23 -6.27 -14.34
S SO4 C . -6.85 -0.76 -13.04
O1 SO4 C . -7.53 -0.73 -11.75
O2 SO4 C . -7.30 -1.93 -13.79
O3 SO4 C . -7.18 0.45 -13.80
O4 SO4 C . -5.41 -0.84 -12.83
S SO4 D . -12.54 -6.99 10.36
O1 SO4 D . -12.81 -8.03 11.34
O2 SO4 D . -13.59 -5.98 10.41
O3 SO4 D . -11.24 -6.38 10.68
O4 SO4 D . -12.48 -7.58 9.02
S SO4 E . -0.05 -7.00 13.39
O1 SO4 E . -0.18 -7.13 14.84
O2 SO4 E . 0.07 -5.58 13.05
O3 SO4 E . 1.15 -7.71 12.95
O4 SO4 E . -1.23 -7.56 12.75
C1 GOL F . -13.25 -6.81 -9.94
O1 GOL F . -14.65 -6.57 -9.85
C2 GOL F . -12.53 -5.85 -9.01
O2 GOL F . -13.18 -5.85 -7.76
C3 GOL F . -12.56 -4.45 -9.61
O3 GOL F . -11.45 -3.72 -9.13
#